data_2LM7
#
_entry.id   2LM7
#
_entity_poly.entity_id   1
_entity_poly.type   'polypeptide(L)'
_entity_poly.pdbx_seq_one_letter_code
;SDVLDITADPTTAPQTERMMRINWKKWWQVFYTVVDYVNQIIQLMSKRSRSLNSAAFYYRV
;
_entity_poly.pdbx_strand_id   A
#
# COMPACT_ATOMS: atom_id res chain seq x y z
N SER A 1 4.07 30.65 2.39
CA SER A 1 2.65 30.27 2.55
C SER A 1 2.33 29.99 4.01
N ASP A 2 1.34 30.71 4.53
CA ASP A 2 0.89 30.58 5.93
C ASP A 2 2.00 30.99 6.90
N VAL A 3 1.72 30.87 8.18
CA VAL A 3 2.68 31.25 9.21
C VAL A 3 3.75 30.17 9.35
N LEU A 4 4.70 30.18 8.42
CA LEU A 4 5.82 29.24 8.41
C LEU A 4 5.33 27.79 8.32
N ASP A 5 4.22 27.61 7.60
CA ASP A 5 3.69 26.26 7.38
C ASP A 5 4.50 25.58 6.29
N ILE A 6 4.74 26.30 5.21
CA ILE A 6 5.57 25.81 4.13
C ILE A 6 6.86 26.61 4.06
N THR A 7 7.88 26.10 4.74
CA THR A 7 9.18 26.75 4.74
C THR A 7 10.28 25.68 4.77
N ALA A 8 10.14 24.72 3.86
CA ALA A 8 11.07 23.62 3.74
C ALA A 8 10.77 22.80 2.47
N ASP A 9 10.17 23.45 1.50
CA ASP A 9 9.80 22.79 0.25
C ASP A 9 10.94 22.80 -0.78
N PRO A 10 11.58 23.97 -1.04
CA PRO A 10 12.61 24.09 -2.08
C PRO A 10 13.89 23.32 -1.75
N THR A 11 13.83 22.00 -1.88
CA THR A 11 15.00 21.16 -1.78
C THR A 11 15.76 21.20 -3.11
N THR A 12 15.08 21.77 -4.12
CA THR A 12 15.64 22.01 -5.44
C THR A 12 16.59 20.90 -5.89
N ALA A 13 16.05 19.68 -5.92
CA ALA A 13 16.84 18.51 -6.25
C ALA A 13 16.06 17.58 -7.17
N PRO A 14 16.11 17.83 -8.49
CA PRO A 14 15.51 16.96 -9.50
C PRO A 14 16.31 15.68 -9.69
N GLN A 15 16.52 14.96 -8.60
CA GLN A 15 17.34 13.76 -8.62
C GLN A 15 16.48 12.51 -8.52
N THR A 16 16.91 11.45 -9.17
CA THR A 16 16.17 10.20 -9.23
C THR A 16 16.15 9.51 -7.87
N GLU A 17 17.13 9.83 -7.02
CA GLU A 17 17.24 9.24 -5.69
C GLU A 17 15.94 9.42 -4.90
N ARG A 18 15.57 10.67 -4.67
CA ARG A 18 14.38 10.99 -3.88
C ARG A 18 13.12 10.46 -4.56
N MET A 19 13.07 10.58 -5.88
CA MET A 19 11.89 10.14 -6.64
C MET A 19 11.71 8.63 -6.52
N MET A 20 12.82 7.91 -6.57
CA MET A 20 12.76 6.46 -6.48
C MET A 20 12.42 6.04 -5.05
N ARG A 21 12.75 6.89 -4.08
CA ARG A 21 12.39 6.64 -2.70
C ARG A 21 10.88 6.79 -2.52
N ILE A 22 10.29 7.74 -3.22
CA ILE A 22 8.83 7.90 -3.18
C ILE A 22 8.17 6.68 -3.82
N ASN A 23 8.74 6.20 -4.91
CA ASN A 23 8.27 4.99 -5.57
C ASN A 23 8.37 3.80 -4.63
N TRP A 24 9.44 3.78 -3.84
CA TRP A 24 9.68 2.70 -2.91
C TRP A 24 8.75 2.82 -1.71
N LYS A 25 8.47 4.05 -1.30
CA LYS A 25 7.56 4.32 -0.19
C LYS A 25 6.13 3.98 -0.58
N LYS A 26 5.81 4.11 -1.86
CA LYS A 26 4.48 3.75 -2.35
C LYS A 26 4.24 2.26 -2.17
N TRP A 27 5.24 1.46 -2.52
CA TRP A 27 5.16 0.02 -2.32
C TRP A 27 5.21 -0.31 -0.83
N TRP A 28 6.09 0.38 -0.11
CA TRP A 28 6.29 0.14 1.30
C TRP A 28 5.03 0.49 2.11
N GLN A 29 4.30 1.51 1.68
CA GLN A 29 3.10 1.92 2.39
C GLN A 29 1.96 0.94 2.17
N VAL A 30 1.80 0.45 0.93
CA VAL A 30 0.74 -0.48 0.63
C VAL A 30 1.09 -1.88 1.16
N PHE A 31 2.38 -2.13 1.33
CA PHE A 31 2.84 -3.39 1.90
C PHE A 31 2.36 -3.53 3.33
N TYR A 32 2.34 -2.43 4.07
CA TYR A 32 1.83 -2.45 5.43
C TYR A 32 0.32 -2.23 5.43
N THR A 33 -0.21 -1.79 4.30
CA THR A 33 -1.65 -1.62 4.16
C THR A 33 -2.33 -2.96 3.94
N VAL A 34 -1.70 -3.83 3.16
CA VAL A 34 -2.24 -5.18 2.92
C VAL A 34 -2.23 -5.98 4.22
N VAL A 35 -1.23 -5.70 5.05
CA VAL A 35 -1.15 -6.31 6.37
C VAL A 35 -2.26 -5.76 7.27
N ASP A 36 -2.41 -4.45 7.26
CA ASP A 36 -3.45 -3.79 8.07
C ASP A 36 -4.84 -4.25 7.64
N TYR A 37 -5.00 -4.49 6.34
CA TYR A 37 -6.27 -4.99 5.80
C TYR A 37 -6.64 -6.32 6.45
N VAL A 38 -5.68 -7.25 6.48
CA VAL A 38 -5.89 -8.54 7.11
C VAL A 38 -6.08 -8.38 8.61
N ASN A 39 -5.30 -7.47 9.20
CA ASN A 39 -5.40 -7.17 10.61
C ASN A 39 -6.80 -6.67 10.95
N GLN A 40 -7.39 -5.91 10.03
CA GLN A 40 -8.74 -5.40 10.20
C GLN A 40 -9.76 -6.52 10.21
N ILE A 41 -9.52 -7.54 9.38
CA ILE A 41 -10.38 -8.71 9.34
C ILE A 41 -10.32 -9.42 10.68
N ILE A 42 -9.17 -9.33 11.32
CA ILE A 42 -8.97 -9.95 12.62
C ILE A 42 -9.70 -9.16 13.70
N GLN A 43 -9.81 -7.85 13.48
CA GLN A 43 -10.59 -6.99 14.36
C GLN A 43 -12.08 -7.29 14.17
N LEU A 44 -12.46 -7.45 12.91
CA LEU A 44 -13.82 -7.82 12.55
C LEU A 44 -14.19 -9.17 13.17
N MET A 45 -13.20 -10.06 13.22
CA MET A 45 -13.36 -11.39 13.82
C MET A 45 -13.82 -11.29 15.27
N SER A 46 -13.45 -10.22 15.94
CA SER A 46 -13.80 -10.01 17.34
C SER A 46 -15.26 -9.59 17.47
N LYS A 47 -15.74 -8.80 16.52
CA LYS A 47 -17.13 -8.34 16.53
C LYS A 47 -18.04 -9.37 15.88
N ARG A 48 -17.45 -10.21 15.05
CA ARG A 48 -18.18 -11.28 14.40
C ARG A 48 -17.69 -12.62 14.93
N SER A 49 -17.94 -12.85 16.21
CA SER A 49 -17.55 -14.07 16.89
C SER A 49 -17.83 -15.31 16.03
N ARG A 50 -16.83 -16.19 15.94
CA ARG A 50 -16.90 -17.36 15.09
C ARG A 50 -16.87 -16.94 13.63
N SER A 51 -15.69 -16.59 13.15
CA SER A 51 -15.53 -16.08 11.79
C SER A 51 -15.03 -17.16 10.84
N LEU A 52 -15.51 -18.39 11.03
CA LEU A 52 -15.06 -19.52 10.22
C LEU A 52 -15.50 -19.36 8.77
N ASN A 53 -16.76 -19.01 8.57
CA ASN A 53 -17.32 -18.82 7.24
C ASN A 53 -16.80 -17.52 6.64
N SER A 54 -16.36 -16.60 7.49
CA SER A 54 -15.86 -15.31 7.05
C SER A 54 -14.40 -15.41 6.58
N ALA A 55 -13.55 -15.99 7.41
CA ALA A 55 -12.14 -16.11 7.08
C ALA A 55 -11.93 -17.09 5.94
N ALA A 56 -12.77 -18.11 5.88
CA ALA A 56 -12.72 -19.09 4.82
C ALA A 56 -13.67 -18.72 3.70
N PHE A 57 -13.75 -17.42 3.40
CA PHE A 57 -14.62 -16.92 2.34
C PHE A 57 -14.18 -17.48 0.98
N TYR A 58 -12.99 -18.04 0.96
CA TYR A 58 -12.46 -18.71 -0.22
C TYR A 58 -13.36 -19.88 -0.61
N TYR A 59 -13.69 -20.72 0.36
CA TYR A 59 -14.53 -21.88 0.14
C TYR A 59 -16.00 -21.49 0.12
N ARG A 60 -16.28 -20.29 0.58
CA ARG A 60 -17.63 -19.76 0.57
C ARG A 60 -17.99 -19.28 -0.82
N VAL A 61 -17.13 -18.41 -1.37
CA VAL A 61 -17.30 -17.84 -2.72
C VAL A 61 -18.76 -17.53 -3.07
N SER A 1 14.29 -20.47 -10.66
CA SER A 1 13.34 -20.01 -11.70
C SER A 1 13.72 -18.62 -12.19
N ASP A 2 14.76 -18.56 -13.01
CA ASP A 2 15.25 -17.30 -13.54
C ASP A 2 14.35 -16.82 -14.67
N VAL A 3 14.05 -15.53 -14.64
CA VAL A 3 13.18 -14.92 -15.64
C VAL A 3 13.96 -13.93 -16.50
N LEU A 4 14.92 -13.25 -15.90
CA LEU A 4 15.71 -12.25 -16.60
C LEU A 4 14.79 -11.23 -17.29
N ASP A 5 13.98 -10.57 -16.49
CA ASP A 5 13.05 -9.57 -17.00
C ASP A 5 13.76 -8.23 -17.12
N ILE A 6 14.12 -7.66 -15.98
CA ILE A 6 14.82 -6.38 -15.89
C ILE A 6 14.31 -5.37 -16.93
N THR A 7 13.27 -4.65 -16.57
CA THR A 7 12.61 -3.74 -17.48
C THR A 7 12.38 -2.38 -16.84
N ALA A 8 12.02 -2.41 -15.56
CA ALA A 8 11.75 -1.21 -14.75
C ALA A 8 10.47 -0.51 -15.18
N ASP A 9 10.44 -0.10 -16.45
CA ASP A 9 9.33 0.61 -17.11
C ASP A 9 9.57 2.12 -17.22
N PRO A 10 9.70 2.89 -16.09
CA PRO A 10 10.08 4.30 -16.17
C PRO A 10 11.56 4.49 -16.52
N THR A 11 11.95 3.91 -17.65
CA THR A 11 13.32 4.04 -18.14
C THR A 11 13.51 5.36 -18.85
N THR A 12 12.40 6.07 -19.04
CA THR A 12 12.41 7.40 -19.62
C THR A 12 12.72 8.44 -18.56
N ALA A 13 13.59 8.07 -17.63
CA ALA A 13 13.96 8.93 -16.52
C ALA A 13 15.42 8.71 -16.17
N PRO A 14 16.22 9.79 -16.16
CA PRO A 14 17.65 9.70 -15.88
C PRO A 14 17.93 9.41 -14.40
N GLN A 15 16.95 9.66 -13.56
CA GLN A 15 17.10 9.47 -12.12
C GLN A 15 15.99 8.57 -11.58
N THR A 16 15.85 7.40 -12.17
CA THR A 16 14.79 6.47 -11.80
C THR A 16 14.99 5.96 -10.36
N GLU A 17 16.24 5.84 -9.93
CA GLU A 17 16.55 5.28 -8.63
C GLU A 17 15.91 6.12 -7.51
N ARG A 18 16.22 7.41 -7.50
CA ARG A 18 15.68 8.30 -6.48
C ARG A 18 14.17 8.39 -6.57
N MET A 19 13.64 8.39 -7.79
CA MET A 19 12.20 8.42 -7.99
C MET A 19 11.55 7.17 -7.42
N MET A 20 12.22 6.04 -7.62
CA MET A 20 11.73 4.76 -7.11
C MET A 20 11.83 4.71 -5.59
N ARG A 21 12.86 5.35 -5.05
CA ARG A 21 13.01 5.43 -3.60
C ARG A 21 11.86 6.21 -2.99
N ILE A 22 11.54 7.35 -3.57
CA ILE A 22 10.42 8.17 -3.10
C ILE A 22 9.10 7.41 -3.28
N ASN A 23 9.02 6.63 -4.35
CA ASN A 23 7.84 5.82 -4.63
C ASN A 23 7.76 4.65 -3.64
N TRP A 24 8.91 4.18 -3.18
CA TRP A 24 8.97 3.06 -2.26
C TRP A 24 8.33 3.43 -0.93
N LYS A 25 8.36 4.72 -0.60
CA LYS A 25 7.71 5.22 0.58
C LYS A 25 6.20 5.03 0.46
N LYS A 26 5.68 5.26 -0.74
CA LYS A 26 4.28 5.06 -1.03
C LYS A 26 3.96 3.57 -0.97
N TRP A 27 4.87 2.75 -1.50
CA TRP A 27 4.71 1.31 -1.46
C TRP A 27 4.76 0.78 -0.03
N TRP A 28 5.54 1.43 0.82
CA TRP A 28 5.56 1.10 2.23
C TRP A 28 4.19 1.33 2.84
N GLN A 29 3.53 2.41 2.44
CA GLN A 29 2.19 2.71 2.90
C GLN A 29 1.22 1.65 2.38
N VAL A 30 1.43 1.24 1.14
CA VAL A 30 0.64 0.15 0.54
C VAL A 30 0.86 -1.13 1.32
N PHE A 31 2.12 -1.41 1.66
CA PHE A 31 2.48 -2.56 2.47
C PHE A 31 1.81 -2.49 3.85
N TYR A 32 1.83 -1.30 4.43
CA TYR A 32 1.17 -1.05 5.70
C TYR A 32 -0.34 -1.26 5.57
N THR A 33 -0.86 -1.04 4.37
CA THR A 33 -2.27 -1.28 4.09
C THR A 33 -2.53 -2.77 3.89
N VAL A 34 -1.52 -3.48 3.41
CA VAL A 34 -1.60 -4.93 3.25
C VAL A 34 -1.71 -5.61 4.61
N VAL A 35 -0.80 -5.25 5.52
CA VAL A 35 -0.83 -5.81 6.86
C VAL A 35 -2.07 -5.30 7.62
N ASP A 36 -2.53 -4.11 7.26
CA ASP A 36 -3.76 -3.56 7.82
C ASP A 36 -4.96 -4.39 7.40
N TYR A 37 -4.96 -4.80 6.13
CA TYR A 37 -6.00 -5.67 5.60
C TYR A 37 -6.03 -6.98 6.37
N VAL A 38 -4.85 -7.56 6.58
CA VAL A 38 -4.72 -8.80 7.34
C VAL A 38 -5.26 -8.59 8.75
N ASN A 39 -4.87 -7.47 9.37
CA ASN A 39 -5.31 -7.12 10.71
C ASN A 39 -6.83 -7.01 10.77
N GLN A 40 -7.42 -6.48 9.71
CA GLN A 40 -8.85 -6.24 9.65
C GLN A 40 -9.63 -7.54 9.51
N ILE A 41 -9.21 -8.39 8.58
CA ILE A 41 -9.91 -9.65 8.33
C ILE A 41 -9.84 -10.58 9.53
N ILE A 42 -8.89 -10.32 10.41
CA ILE A 42 -8.78 -11.07 11.67
C ILE A 42 -9.90 -10.67 12.62
N GLN A 43 -10.23 -9.39 12.65
CA GLN A 43 -11.32 -8.90 13.48
C GLN A 43 -12.65 -9.31 12.87
N LEU A 44 -12.67 -9.39 11.55
CA LEU A 44 -13.83 -9.89 10.83
C LEU A 44 -14.03 -11.37 11.15
N MET A 45 -13.03 -12.18 10.81
CA MET A 45 -13.05 -13.61 11.07
C MET A 45 -14.33 -14.23 10.52
N SER A 46 -14.49 -14.12 9.21
CA SER A 46 -15.63 -14.69 8.53
C SER A 46 -15.19 -15.94 7.77
N LYS A 47 -14.38 -16.75 8.45
CA LYS A 47 -13.84 -17.97 7.84
C LYS A 47 -14.82 -19.12 7.98
N ARG A 48 -15.87 -18.89 8.77
CA ARG A 48 -16.95 -19.86 8.98
C ARG A 48 -16.44 -21.09 9.71
N SER A 49 -15.56 -20.88 10.69
CA SER A 49 -15.04 -21.97 11.50
C SER A 49 -16.11 -22.46 12.48
N ARG A 50 -16.10 -23.77 12.74
CA ARG A 50 -17.10 -24.42 13.59
C ARG A 50 -18.46 -24.49 12.89
N SER A 51 -19.19 -25.57 13.14
CA SER A 51 -20.47 -25.80 12.49
C SER A 51 -21.60 -25.07 13.20
N LEU A 52 -21.34 -23.84 13.61
CA LEU A 52 -22.36 -23.02 14.25
C LEU A 52 -23.45 -22.67 13.26
N ASN A 53 -24.70 -22.70 13.73
CA ASN A 53 -25.88 -22.48 12.89
C ASN A 53 -26.18 -23.70 12.03
N SER A 54 -25.13 -24.38 11.60
CA SER A 54 -25.27 -25.58 10.79
C SER A 54 -25.93 -26.70 11.59
N ALA A 55 -25.39 -26.93 12.78
CA ALA A 55 -25.92 -27.93 13.69
C ALA A 55 -27.34 -27.57 14.14
N ALA A 56 -27.67 -26.29 14.04
CA ALA A 56 -28.97 -25.78 14.46
C ALA A 56 -30.08 -26.24 13.52
N PHE A 57 -29.72 -26.77 12.37
CA PHE A 57 -30.70 -27.32 11.45
C PHE A 57 -31.04 -28.75 11.82
N TYR A 58 -30.26 -29.31 12.74
CA TYR A 58 -30.43 -30.69 13.16
C TYR A 58 -30.87 -30.77 14.61
N TYR A 59 -30.03 -30.27 15.52
CA TYR A 59 -30.29 -30.33 16.96
C TYR A 59 -30.43 -31.77 17.41
N ARG A 60 -29.36 -32.52 17.25
CA ARG A 60 -29.33 -33.92 17.65
C ARG A 60 -29.34 -34.06 19.16
N VAL A 61 -28.63 -33.17 19.84
CA VAL A 61 -28.56 -33.19 21.29
C VAL A 61 -29.06 -31.87 21.88
N SER A 1 2.56 11.18 9.40
CA SER A 1 1.23 10.76 8.92
C SER A 1 0.43 11.96 8.42
N ASP A 2 1.13 12.96 7.90
CA ASP A 2 0.47 14.16 7.41
C ASP A 2 1.11 14.60 6.10
N VAL A 3 0.77 15.81 5.65
CA VAL A 3 1.27 16.31 4.37
C VAL A 3 2.80 16.35 4.34
N LEU A 4 3.39 16.96 5.36
CA LEU A 4 4.85 17.05 5.48
C LEU A 4 5.50 17.75 4.29
N ASP A 5 5.18 19.04 4.13
CA ASP A 5 5.82 19.91 3.13
C ASP A 5 5.56 19.45 1.70
N ILE A 6 4.79 20.25 0.97
CA ILE A 6 4.47 19.93 -0.41
C ILE A 6 5.63 20.29 -1.32
N THR A 7 6.40 19.29 -1.72
CA THR A 7 7.55 19.51 -2.58
C THR A 7 7.61 18.48 -3.72
N ALA A 8 7.09 17.28 -3.46
CA ALA A 8 7.14 16.21 -4.44
C ALA A 8 5.79 15.98 -5.10
N ASP A 9 4.75 16.58 -4.52
CA ASP A 9 3.40 16.46 -5.07
C ASP A 9 3.31 17.01 -6.50
N PRO A 10 3.63 18.30 -6.74
CA PRO A 10 3.69 18.83 -8.09
C PRO A 10 5.02 18.48 -8.75
N THR A 11 5.22 17.18 -8.96
CA THR A 11 6.49 16.63 -9.41
C THR A 11 7.04 17.38 -10.63
N THR A 12 8.12 18.12 -10.40
CA THR A 12 8.76 18.87 -11.46
C THR A 12 10.24 18.48 -11.51
N ALA A 13 10.86 18.71 -12.68
CA ALA A 13 12.27 18.37 -12.91
C ALA A 13 12.48 16.86 -12.95
N PRO A 14 13.44 16.40 -13.78
CA PRO A 14 13.73 14.97 -13.94
C PRO A 14 14.56 14.39 -12.80
N GLN A 15 14.10 14.61 -11.57
CA GLN A 15 14.78 14.08 -10.40
C GLN A 15 14.16 12.73 -10.04
N THR A 16 14.28 11.79 -10.97
CA THR A 16 13.67 10.48 -10.85
C THR A 16 14.21 9.70 -9.65
N GLU A 17 15.44 10.02 -9.25
CA GLU A 17 16.07 9.36 -8.11
C GLU A 17 15.18 9.44 -6.88
N ARG A 18 14.82 10.65 -6.49
CA ARG A 18 13.95 10.84 -5.32
C ARG A 18 12.59 10.21 -5.55
N MET A 19 12.05 10.41 -6.75
CA MET A 19 10.71 9.91 -7.08
C MET A 19 10.63 8.39 -6.92
N MET A 20 11.68 7.70 -7.34
CA MET A 20 11.73 6.25 -7.24
C MET A 20 11.78 5.82 -5.79
N ARG A 21 12.53 6.56 -4.97
CA ARG A 21 12.64 6.27 -3.55
C ARG A 21 11.31 6.54 -2.87
N ILE A 22 10.58 7.55 -3.34
CA ILE A 22 9.24 7.84 -2.84
C ILE A 22 8.29 6.72 -3.24
N ASN A 23 8.43 6.26 -4.48
CA ASN A 23 7.67 5.11 -4.97
C ASN A 23 7.92 3.90 -4.08
N TRP A 24 9.17 3.72 -3.66
CA TRP A 24 9.52 2.67 -2.72
C TRP A 24 8.82 2.87 -1.38
N LYS A 25 8.77 4.12 -0.90
CA LYS A 25 8.08 4.44 0.33
C LYS A 25 6.60 4.11 0.22
N LYS A 26 6.02 4.42 -0.93
CA LYS A 26 4.63 4.12 -1.21
C LYS A 26 4.41 2.60 -1.26
N TRP A 27 5.36 1.89 -1.86
CA TRP A 27 5.28 0.44 -1.93
C TRP A 27 5.30 -0.18 -0.54
N TRP A 28 6.21 0.29 0.30
CA TRP A 28 6.30 -0.20 1.67
C TRP A 28 5.05 0.21 2.46
N GLN A 29 4.43 1.31 2.05
CA GLN A 29 3.17 1.74 2.63
C GLN A 29 2.08 0.75 2.25
N VAL A 30 2.09 0.32 0.98
CA VAL A 30 1.14 -0.68 0.49
C VAL A 30 1.32 -1.97 1.28
N PHE A 31 2.55 -2.43 1.37
CA PHE A 31 2.88 -3.65 2.10
C PHE A 31 2.38 -3.58 3.54
N TYR A 32 2.64 -2.45 4.20
CA TYR A 32 2.23 -2.25 5.58
C TYR A 32 0.71 -2.22 5.67
N THR A 33 0.07 -1.56 4.71
CA THR A 33 -1.38 -1.46 4.67
C THR A 33 -2.00 -2.83 4.43
N VAL A 34 -1.35 -3.67 3.62
CA VAL A 34 -1.82 -5.03 3.41
C VAL A 34 -1.85 -5.80 4.72
N VAL A 35 -0.75 -5.71 5.46
CA VAL A 35 -0.64 -6.37 6.76
C VAL A 35 -1.73 -5.86 7.70
N ASP A 36 -1.91 -4.54 7.72
CA ASP A 36 -2.93 -3.90 8.55
C ASP A 36 -4.33 -4.28 8.07
N TYR A 37 -4.51 -4.37 6.77
CA TYR A 37 -5.80 -4.72 6.19
C TYR A 37 -6.20 -6.14 6.59
N VAL A 38 -5.23 -7.05 6.56
CA VAL A 38 -5.48 -8.42 6.99
C VAL A 38 -5.87 -8.45 8.47
N ASN A 39 -5.22 -7.61 9.25
CA ASN A 39 -5.55 -7.49 10.67
C ASN A 39 -6.95 -6.90 10.83
N GLN A 40 -7.25 -5.92 9.99
CA GLN A 40 -8.53 -5.22 10.01
C GLN A 40 -9.68 -6.16 9.68
N ILE A 41 -9.56 -6.92 8.60
CA ILE A 41 -10.63 -7.82 8.17
C ILE A 41 -10.88 -8.93 9.19
N ILE A 42 -9.92 -9.14 10.08
CA ILE A 42 -10.11 -10.10 11.16
C ILE A 42 -10.89 -9.46 12.31
N GLN A 43 -10.53 -8.22 12.65
CA GLN A 43 -11.21 -7.48 13.70
C GLN A 43 -12.65 -7.17 13.30
N LEU A 44 -12.82 -6.71 12.06
CA LEU A 44 -14.13 -6.40 11.52
C LEU A 44 -14.87 -7.70 11.19
N MET A 45 -14.22 -8.56 10.41
CA MET A 45 -14.74 -9.88 10.08
C MET A 45 -16.16 -9.81 9.51
N SER A 46 -16.27 -9.33 8.28
CA SER A 46 -17.58 -9.26 7.63
C SER A 46 -17.53 -9.84 6.21
N LYS A 47 -16.31 -9.94 5.66
CA LYS A 47 -16.05 -10.48 4.32
C LYS A 47 -16.59 -9.58 3.20
N ARG A 48 -17.79 -9.06 3.37
CA ARG A 48 -18.46 -8.29 2.33
C ARG A 48 -18.21 -6.81 2.49
N SER A 49 -16.95 -6.45 2.70
CA SER A 49 -16.54 -5.04 2.77
C SER A 49 -17.18 -4.35 3.97
N ARG A 50 -16.92 -3.06 4.08
CA ARG A 50 -17.48 -2.24 5.14
C ARG A 50 -18.27 -1.09 4.54
N SER A 51 -19.57 -1.31 4.34
CA SER A 51 -20.43 -0.32 3.71
C SER A 51 -20.26 1.07 4.33
N LEU A 52 -20.20 2.08 3.46
CA LEU A 52 -19.96 3.48 3.85
C LEU A 52 -18.52 3.70 4.29
N ASN A 53 -18.05 2.89 5.23
CA ASN A 53 -16.70 3.01 5.76
C ASN A 53 -15.65 2.93 4.65
N SER A 54 -15.80 1.96 3.77
CA SER A 54 -14.87 1.79 2.67
C SER A 54 -15.22 2.74 1.53
N ALA A 55 -16.49 2.70 1.13
CA ALA A 55 -17.00 3.47 0.00
C ALA A 55 -16.71 4.98 0.13
N ALA A 56 -16.56 5.45 1.36
CA ALA A 56 -16.27 6.85 1.61
C ALA A 56 -15.00 7.32 0.90
N PHE A 57 -14.01 6.44 0.83
CA PHE A 57 -12.74 6.76 0.18
C PHE A 57 -12.55 5.90 -1.07
N TYR A 58 -13.19 4.73 -1.06
CA TYR A 58 -13.07 3.74 -2.14
C TYR A 58 -11.67 3.13 -2.13
N TYR A 59 -10.69 3.91 -2.56
CA TYR A 59 -9.29 3.49 -2.57
C TYR A 59 -9.12 2.17 -3.33
N ARG A 60 -9.84 2.07 -4.46
CA ARG A 60 -9.77 0.92 -5.36
C ARG A 60 -10.47 -0.30 -4.77
N VAL A 61 -10.79 -0.22 -3.49
CA VAL A 61 -11.41 -1.32 -2.76
C VAL A 61 -10.49 -2.53 -2.68
N SER A 1 17.84 2.92 -26.93
CA SER A 1 18.31 1.52 -26.87
C SER A 1 19.74 1.42 -27.40
N ASP A 2 20.40 0.31 -27.05
CA ASP A 2 21.73 -0.02 -27.58
C ASP A 2 22.78 1.01 -27.17
N VAL A 3 22.53 1.67 -26.06
CA VAL A 3 23.49 2.60 -25.51
C VAL A 3 24.08 2.05 -24.22
N LEU A 4 25.39 2.13 -24.10
CA LEU A 4 26.08 1.67 -22.90
C LEU A 4 26.39 2.86 -22.01
N ASP A 5 27.16 3.80 -22.56
CA ASP A 5 27.53 5.01 -21.85
C ASP A 5 28.23 5.99 -22.78
N ILE A 6 27.60 7.14 -22.99
CA ILE A 6 28.20 8.20 -23.78
C ILE A 6 28.65 9.32 -22.85
N THR A 7 29.93 9.30 -22.50
CA THR A 7 30.49 10.26 -21.55
C THR A 7 29.79 10.12 -20.20
N ALA A 8 30.05 9.03 -19.50
CA ALA A 8 29.44 8.76 -18.21
C ALA A 8 30.13 9.55 -17.11
N ASP A 9 30.14 10.87 -17.27
CA ASP A 9 30.77 11.76 -16.31
C ASP A 9 29.73 12.64 -15.60
N PRO A 10 28.85 13.35 -16.35
CA PRO A 10 27.83 14.23 -15.74
C PRO A 10 26.64 13.43 -15.22
N THR A 11 26.91 12.52 -14.30
CA THR A 11 25.87 11.71 -13.69
C THR A 11 25.88 11.92 -12.19
N THR A 12 25.92 13.18 -11.78
CA THR A 12 25.91 13.53 -10.36
C THR A 12 24.53 13.96 -9.93
N ALA A 13 23.52 13.36 -10.55
CA ALA A 13 22.14 13.65 -10.24
C ALA A 13 21.34 12.36 -10.18
N PRO A 14 21.22 11.80 -8.97
CA PRO A 14 20.42 10.59 -8.71
C PRO A 14 18.93 10.81 -8.94
N GLN A 15 18.57 11.14 -10.17
CA GLN A 15 17.19 11.40 -10.54
C GLN A 15 16.35 10.13 -10.46
N THR A 16 16.91 9.04 -10.94
CA THR A 16 16.22 7.77 -10.92
C THR A 16 16.15 7.23 -9.49
N GLU A 17 17.19 7.51 -8.72
CA GLU A 17 17.26 7.07 -7.33
C GLU A 17 16.16 7.73 -6.50
N ARG A 18 16.08 9.06 -6.56
CA ARG A 18 15.09 9.79 -5.79
C ARG A 18 13.67 9.42 -6.25
N MET A 19 13.51 9.21 -7.55
CA MET A 19 12.22 8.79 -8.08
C MET A 19 11.85 7.42 -7.55
N MET A 20 12.85 6.56 -7.48
CA MET A 20 12.66 5.21 -6.97
C MET A 20 12.26 5.23 -5.49
N ARG A 21 13.01 5.97 -4.69
CA ARG A 21 12.75 6.03 -3.26
C ARG A 21 11.37 6.61 -2.96
N ILE A 22 10.91 7.55 -3.80
CA ILE A 22 9.60 8.15 -3.62
C ILE A 22 8.50 7.11 -3.86
N ASN A 23 8.66 6.33 -4.92
CA ASN A 23 7.70 5.29 -5.25
C ASN A 23 7.73 4.18 -4.21
N TRP A 24 8.93 3.79 -3.81
CA TRP A 24 9.10 2.73 -2.82
C TRP A 24 8.55 3.15 -1.46
N LYS A 25 8.62 4.44 -1.16
CA LYS A 25 8.01 4.96 0.05
C LYS A 25 6.51 4.70 0.01
N LYS A 26 5.91 4.94 -1.14
CA LYS A 26 4.49 4.69 -1.35
C LYS A 26 4.18 3.21 -1.17
N TRP A 27 5.09 2.37 -1.66
CA TRP A 27 4.94 0.93 -1.55
C TRP A 27 5.06 0.48 -0.09
N TRP A 28 5.87 1.18 0.69
CA TRP A 28 5.96 0.91 2.12
C TRP A 28 4.62 1.19 2.79
N GLN A 29 4.00 2.30 2.43
CA GLN A 29 2.67 2.62 2.92
C GLN A 29 1.67 1.55 2.48
N VAL A 30 1.79 1.10 1.24
CA VAL A 30 0.95 0.03 0.72
C VAL A 30 1.15 -1.24 1.54
N PHE A 31 2.42 -1.56 1.79
CA PHE A 31 2.78 -2.75 2.57
C PHE A 31 2.06 -2.77 3.91
N TYR A 32 2.16 -1.67 4.65
CA TYR A 32 1.50 -1.57 5.95
C TYR A 32 -0.01 -1.65 5.80
N THR A 33 -0.54 -1.06 4.74
CA THR A 33 -1.97 -1.09 4.47
C THR A 33 -2.44 -2.52 4.21
N VAL A 34 -1.63 -3.28 3.48
CA VAL A 34 -1.96 -4.68 3.17
C VAL A 34 -1.93 -5.53 4.45
N VAL A 35 -0.89 -5.35 5.25
CA VAL A 35 -0.75 -6.09 6.50
C VAL A 35 -1.88 -5.72 7.48
N ASP A 36 -2.17 -4.43 7.55
CA ASP A 36 -3.21 -3.92 8.45
C ASP A 36 -4.56 -4.48 8.04
N TYR A 37 -4.76 -4.63 6.73
CA TYR A 37 -5.99 -5.20 6.19
C TYR A 37 -6.19 -6.63 6.69
N VAL A 38 -5.10 -7.39 6.73
CA VAL A 38 -5.14 -8.76 7.22
C VAL A 38 -5.61 -8.79 8.67
N ASN A 39 -5.10 -7.85 9.46
CA ASN A 39 -5.47 -7.75 10.87
C ASN A 39 -6.95 -7.42 11.01
N GLN A 40 -7.44 -6.54 10.14
CA GLN A 40 -8.83 -6.09 10.21
C GLN A 40 -9.81 -7.21 9.94
N ILE A 41 -9.64 -7.89 8.82
CA ILE A 41 -10.59 -8.92 8.40
C ILE A 41 -10.72 -10.06 9.41
N ILE A 42 -9.74 -10.16 10.30
CA ILE A 42 -9.78 -11.16 11.35
C ILE A 42 -10.72 -10.73 12.47
N GLN A 43 -10.64 -9.46 12.84
CA GLN A 43 -11.48 -8.92 13.91
C GLN A 43 -12.89 -8.65 13.40
N LEU A 44 -12.96 -8.16 12.17
CA LEU A 44 -14.23 -7.86 11.53
C LEU A 44 -14.84 -9.12 10.92
N MET A 45 -14.25 -10.27 11.25
CA MET A 45 -14.73 -11.55 10.74
C MET A 45 -15.96 -12.02 11.51
N SER A 46 -15.78 -12.30 12.78
CA SER A 46 -16.85 -12.85 13.61
C SER A 46 -16.71 -12.42 15.06
N LYS A 47 -16.01 -11.31 15.30
CA LYS A 47 -15.77 -10.86 16.66
C LYS A 47 -16.60 -9.62 16.98
N ARG A 48 -16.71 -8.72 16.03
CA ARG A 48 -17.48 -7.50 16.21
C ARG A 48 -18.96 -7.75 15.96
N SER A 49 -19.32 -7.95 14.70
CA SER A 49 -20.70 -8.24 14.33
C SER A 49 -20.77 -8.65 12.85
N ARG A 50 -21.89 -9.24 12.47
CA ARG A 50 -22.09 -9.67 11.09
C ARG A 50 -22.97 -8.66 10.36
N SER A 51 -23.15 -7.51 10.98
CA SER A 51 -23.98 -6.45 10.44
C SER A 51 -23.17 -5.46 9.62
N LEU A 52 -22.11 -5.96 8.96
CA LEU A 52 -21.25 -5.10 8.14
C LEU A 52 -22.03 -4.48 6.99
N ASN A 53 -23.03 -5.20 6.50
CA ASN A 53 -23.94 -4.67 5.49
C ASN A 53 -24.70 -3.48 6.05
N SER A 54 -25.39 -3.71 7.17
CA SER A 54 -26.17 -2.67 7.83
C SER A 54 -25.29 -1.47 8.19
N ALA A 55 -24.11 -1.76 8.72
CA ALA A 55 -23.15 -0.72 9.10
C ALA A 55 -22.69 0.09 7.88
N ALA A 56 -22.78 -0.51 6.70
CA ALA A 56 -22.36 0.16 5.47
C ALA A 56 -23.43 1.11 4.97
N PHE A 57 -24.65 0.93 5.44
CA PHE A 57 -25.75 1.79 5.04
C PHE A 57 -26.85 1.83 6.10
N TYR A 58 -26.53 2.41 7.25
CA TYR A 58 -27.51 2.60 8.32
C TYR A 58 -28.71 3.38 7.80
N TYR A 59 -28.40 4.47 7.11
CA TYR A 59 -29.43 5.35 6.59
C TYR A 59 -28.98 5.98 5.27
N ARG A 60 -27.68 6.30 5.21
CA ARG A 60 -27.02 6.84 4.01
C ARG A 60 -27.38 8.30 3.78
N VAL A 61 -28.47 8.72 4.41
CA VAL A 61 -29.01 10.06 4.25
C VAL A 61 -29.39 10.30 2.79
N SER A 1 30.99 14.60 -1.53
CA SER A 1 29.58 14.86 -1.15
C SER A 1 29.28 16.36 -1.28
N ASP A 2 28.09 16.66 -1.79
CA ASP A 2 27.68 18.05 -1.98
C ASP A 2 26.16 18.16 -1.87
N VAL A 3 25.69 19.35 -1.54
CA VAL A 3 24.26 19.60 -1.35
C VAL A 3 23.66 20.29 -2.56
N LEU A 4 24.52 20.87 -3.40
CA LEU A 4 24.09 21.57 -4.59
C LEU A 4 24.38 20.73 -5.83
N ASP A 5 23.63 19.66 -5.98
CA ASP A 5 23.73 18.77 -7.14
C ASP A 5 23.81 19.54 -8.44
N ILE A 6 24.96 19.44 -9.06
CA ILE A 6 25.14 19.91 -10.42
C ILE A 6 24.58 18.86 -11.36
N THR A 7 23.34 19.07 -11.79
CA THR A 7 22.60 18.07 -12.53
C THR A 7 23.26 17.76 -13.87
N ALA A 8 23.62 16.49 -14.04
CA ALA A 8 24.18 15.97 -15.29
C ALA A 8 25.60 16.49 -15.55
N ASP A 9 26.38 16.60 -14.48
CA ASP A 9 27.80 16.94 -14.62
C ASP A 9 28.69 15.82 -14.06
N PRO A 10 28.54 15.41 -12.78
CA PRO A 10 29.32 14.30 -12.21
C PRO A 10 28.89 12.96 -12.81
N THR A 11 27.78 12.98 -13.53
CA THR A 11 27.26 11.80 -14.19
C THR A 11 26.54 12.21 -15.47
N THR A 12 26.67 11.39 -16.50
CA THR A 12 25.98 11.66 -17.75
C THR A 12 24.72 10.81 -17.82
N ALA A 13 24.28 10.37 -16.66
CA ALA A 13 23.09 9.56 -16.54
C ALA A 13 22.29 9.98 -15.32
N PRO A 14 21.11 10.60 -15.54
CA PRO A 14 20.26 11.07 -14.45
C PRO A 14 19.76 9.91 -13.59
N GLN A 15 20.38 9.75 -12.43
CA GLN A 15 20.01 8.71 -11.49
C GLN A 15 18.56 8.86 -11.06
N THR A 16 17.82 7.77 -11.15
CA THR A 16 16.41 7.79 -10.77
C THR A 16 16.26 7.25 -9.34
N GLU A 17 17.35 7.35 -8.59
CA GLU A 17 17.42 6.84 -7.22
C GLU A 17 16.34 7.45 -6.33
N ARG A 18 16.38 8.78 -6.20
CA ARG A 18 15.44 9.49 -5.33
C ARG A 18 13.99 9.23 -5.74
N MET A 19 13.73 9.28 -7.04
CA MET A 19 12.38 9.04 -7.56
C MET A 19 11.93 7.63 -7.21
N MET A 20 12.83 6.67 -7.38
CA MET A 20 12.56 5.28 -7.08
C MET A 20 12.24 5.10 -5.60
N ARG A 21 13.02 5.77 -4.75
CA ARG A 21 12.81 5.72 -3.31
C ARG A 21 11.42 6.25 -2.94
N ILE A 22 11.02 7.34 -3.58
CA ILE A 22 9.71 7.92 -3.32
C ILE A 22 8.61 6.99 -3.84
N ASN A 23 8.92 6.26 -4.90
CA ASN A 23 8.02 5.23 -5.41
C ASN A 23 7.89 4.11 -4.38
N TRP A 24 9.00 3.78 -3.75
CA TRP A 24 9.04 2.78 -2.69
C TRP A 24 8.36 3.28 -1.41
N LYS A 25 8.17 4.59 -1.31
CA LYS A 25 7.48 5.17 -0.17
C LYS A 25 5.99 4.84 -0.25
N LYS A 26 5.46 4.75 -1.47
CA LYS A 26 4.08 4.35 -1.65
C LYS A 26 3.94 2.87 -1.36
N TRP A 27 4.89 2.07 -1.85
CA TRP A 27 4.91 0.64 -1.56
C TRP A 27 5.03 0.40 -0.06
N TRP A 28 5.78 1.27 0.60
CA TRP A 28 5.87 1.27 2.05
C TRP A 28 4.48 1.41 2.67
N GLN A 29 3.73 2.41 2.22
CA GLN A 29 2.38 2.64 2.69
C GLN A 29 1.49 1.45 2.37
N VAL A 30 1.56 0.97 1.14
CA VAL A 30 0.78 -0.17 0.68
C VAL A 30 1.10 -1.42 1.50
N PHE A 31 2.35 -1.53 1.93
CA PHE A 31 2.76 -2.66 2.75
C PHE A 31 2.01 -2.64 4.08
N TYR A 32 2.00 -1.50 4.74
CA TYR A 32 1.29 -1.36 6.01
C TYR A 32 -0.21 -1.41 5.77
N THR A 33 -0.63 -1.09 4.57
CA THR A 33 -2.04 -1.16 4.20
C THR A 33 -2.51 -2.62 4.12
N VAL A 34 -1.72 -3.46 3.46
CA VAL A 34 -2.06 -4.87 3.33
C VAL A 34 -2.02 -5.56 4.70
N VAL A 35 -1.01 -5.20 5.49
CA VAL A 35 -0.89 -5.70 6.85
C VAL A 35 -2.11 -5.29 7.68
N ASP A 36 -2.50 -4.03 7.54
CA ASP A 36 -3.67 -3.50 8.24
C ASP A 36 -4.93 -4.23 7.82
N TYR A 37 -5.11 -4.37 6.51
CA TYR A 37 -6.28 -5.07 5.97
C TYR A 37 -6.36 -6.49 6.51
N VAL A 38 -5.24 -7.21 6.47
CA VAL A 38 -5.19 -8.57 6.99
C VAL A 38 -5.50 -8.58 8.49
N ASN A 39 -4.91 -7.66 9.22
CA ASN A 39 -5.14 -7.56 10.67
C ASN A 39 -6.63 -7.34 10.96
N GLN A 40 -7.25 -6.49 10.17
CA GLN A 40 -8.65 -6.11 10.38
C GLN A 40 -9.60 -7.25 10.04
N ILE A 41 -9.36 -7.93 8.92
CA ILE A 41 -10.25 -9.01 8.50
C ILE A 41 -10.19 -10.19 9.45
N ILE A 42 -9.12 -10.28 10.21
CA ILE A 42 -8.99 -11.33 11.21
C ILE A 42 -9.88 -11.04 12.41
N GLN A 43 -9.92 -9.77 12.81
CA GLN A 43 -10.78 -9.34 13.89
C GLN A 43 -12.25 -9.47 13.48
N LEU A 44 -12.50 -9.16 12.21
CA LEU A 44 -13.84 -9.27 11.65
C LEU A 44 -14.25 -10.74 11.48
N MET A 45 -13.28 -11.58 11.16
CA MET A 45 -13.53 -12.99 10.88
C MET A 45 -14.08 -13.70 12.11
N SER A 46 -13.51 -13.43 13.28
CA SER A 46 -13.94 -14.07 14.51
C SER A 46 -15.36 -13.65 14.87
N LYS A 47 -15.72 -12.44 14.49
CA LYS A 47 -17.05 -11.90 14.78
C LYS A 47 -18.06 -12.37 13.74
N ARG A 48 -17.53 -12.80 12.59
CA ARG A 48 -18.34 -13.21 11.44
C ARG A 48 -19.13 -12.03 10.89
N SER A 49 -18.54 -10.85 10.95
CA SER A 49 -19.20 -9.65 10.47
C SER A 49 -18.23 -8.79 9.66
N ARG A 50 -18.77 -7.92 8.83
CA ARG A 50 -17.95 -7.01 8.03
C ARG A 50 -18.78 -5.80 7.62
N SER A 51 -18.17 -4.63 7.64
CA SER A 51 -18.85 -3.41 7.25
C SER A 51 -17.85 -2.39 6.71
N LEU A 52 -17.84 -2.22 5.40
CA LEU A 52 -16.94 -1.29 4.75
C LEU A 52 -17.66 -0.55 3.63
N ASN A 53 -17.13 0.62 3.27
CA ASN A 53 -17.70 1.46 2.21
C ASN A 53 -19.04 2.07 2.63
N SER A 54 -19.50 1.69 3.82
CA SER A 54 -20.76 2.18 4.34
C SER A 54 -20.54 3.34 5.29
N ALA A 55 -19.61 3.18 6.22
CA ALA A 55 -19.28 4.23 7.17
C ALA A 55 -18.57 5.38 6.49
N ALA A 56 -17.98 5.08 5.33
CA ALA A 56 -17.23 6.05 4.54
C ALA A 56 -18.11 7.20 4.08
N PHE A 57 -19.42 6.98 4.01
CA PHE A 57 -20.34 8.03 3.59
C PHE A 57 -20.34 9.17 4.61
N TYR A 58 -20.02 8.84 5.85
CA TYR A 58 -19.89 9.85 6.89
C TYR A 58 -18.41 10.14 7.14
N TYR A 59 -17.76 9.26 7.89
CA TYR A 59 -16.34 9.40 8.21
C TYR A 59 -15.91 8.22 9.07
N ARG A 60 -16.58 8.04 10.19
CA ARG A 60 -16.32 6.93 11.09
C ARG A 60 -17.61 6.52 11.83
N VAL A 61 -18.05 7.37 12.75
CA VAL A 61 -19.22 7.05 13.56
C VAL A 61 -20.51 7.50 12.86
N SER A 1 11.00 29.55 -9.97
CA SER A 1 11.76 29.17 -8.76
C SER A 1 12.66 27.98 -9.04
N ASP A 2 13.65 28.18 -9.89
CA ASP A 2 14.55 27.11 -10.26
C ASP A 2 15.78 27.10 -9.37
N VAL A 3 16.12 25.92 -8.88
CA VAL A 3 17.27 25.76 -8.00
C VAL A 3 18.40 25.05 -8.73
N LEU A 4 18.09 23.92 -9.33
CA LEU A 4 19.08 23.12 -10.03
C LEU A 4 18.75 23.10 -11.52
N ASP A 5 17.65 22.45 -11.85
CA ASP A 5 17.19 22.32 -13.22
C ASP A 5 15.68 22.11 -13.20
N ILE A 6 14.97 22.80 -14.07
CA ILE A 6 13.51 22.74 -14.11
C ILE A 6 13.05 21.31 -14.42
N THR A 7 12.74 20.56 -13.37
CA THR A 7 12.35 19.17 -13.51
C THR A 7 10.98 18.95 -12.88
N ALA A 8 9.97 19.54 -13.49
CA ALA A 8 8.60 19.38 -13.02
C ALA A 8 7.93 18.23 -13.75
N ASP A 9 8.10 18.20 -15.06
CA ASP A 9 7.59 17.11 -15.89
C ASP A 9 8.61 16.76 -16.97
N PRO A 10 9.59 15.90 -16.65
CA PRO A 10 10.64 15.51 -17.59
C PRO A 10 10.17 14.48 -18.61
N THR A 11 8.95 13.97 -18.40
CA THR A 11 8.30 12.98 -19.29
C THR A 11 9.12 11.70 -19.45
N THR A 12 10.16 11.57 -18.62
CA THR A 12 11.02 10.40 -18.63
C THR A 12 12.08 10.58 -17.55
N ALA A 13 12.61 9.48 -17.04
CA ALA A 13 13.61 9.54 -16.00
C ALA A 13 14.62 8.40 -16.12
N PRO A 14 15.63 8.56 -16.98
CA PRO A 14 16.72 7.57 -17.11
C PRO A 14 17.48 7.41 -15.80
N GLN A 15 17.47 8.48 -15.01
CA GLN A 15 18.03 8.44 -13.66
C GLN A 15 16.89 8.35 -12.66
N THR A 16 16.43 7.13 -12.42
CA THR A 16 15.22 6.91 -11.64
C THR A 16 15.54 6.74 -10.15
N GLU A 17 16.71 7.19 -9.74
CA GLU A 17 17.17 7.00 -8.36
C GLU A 17 16.22 7.65 -7.36
N ARG A 18 16.19 8.98 -7.36
CA ARG A 18 15.36 9.72 -6.44
C ARG A 18 13.89 9.37 -6.64
N MET A 19 13.50 9.19 -7.90
CA MET A 19 12.12 8.90 -8.24
C MET A 19 11.67 7.57 -7.65
N MET A 20 12.57 6.59 -7.67
CA MET A 20 12.24 5.27 -7.14
C MET A 20 12.16 5.33 -5.62
N ARG A 21 13.03 6.12 -5.01
CA ARG A 21 13.05 6.27 -3.55
C ARG A 21 11.73 6.83 -3.05
N ILE A 22 11.09 7.65 -3.87
CA ILE A 22 9.76 8.17 -3.55
C ILE A 22 8.73 7.05 -3.64
N ASN A 23 8.81 6.26 -4.70
CA ASN A 23 7.89 5.16 -4.91
C ASN A 23 8.11 4.08 -3.87
N TRP A 24 9.36 3.87 -3.49
CA TRP A 24 9.73 2.84 -2.54
C TRP A 24 9.13 3.13 -1.16
N LYS A 25 8.94 4.41 -0.86
CA LYS A 25 8.30 4.80 0.38
C LYS A 25 6.80 4.53 0.31
N LYS A 26 6.23 4.76 -0.86
CA LYS A 26 4.80 4.55 -1.08
C LYS A 26 4.47 3.05 -1.13
N TRP A 27 5.40 2.25 -1.61
CA TRP A 27 5.22 0.80 -1.61
C TRP A 27 5.08 0.28 -0.19
N TRP A 28 5.77 0.92 0.74
CA TRP A 28 5.67 0.56 2.16
C TRP A 28 4.35 1.05 2.74
N GLN A 29 3.82 2.14 2.19
CA GLN A 29 2.56 2.69 2.64
C GLN A 29 1.41 1.74 2.32
N VAL A 30 1.35 1.32 1.06
CA VAL A 30 0.31 0.40 0.62
C VAL A 30 0.49 -0.97 1.26
N PHE A 31 1.76 -1.35 1.51
CA PHE A 31 2.08 -2.60 2.17
C PHE A 31 1.55 -2.60 3.60
N TYR A 32 1.78 -1.50 4.30
CA TYR A 32 1.31 -1.37 5.68
C TYR A 32 -0.21 -1.47 5.74
N THR A 33 -0.87 -0.87 4.76
CA THR A 33 -2.31 -0.93 4.67
C THR A 33 -2.79 -2.37 4.45
N VAL A 34 -2.07 -3.12 3.62
CA VAL A 34 -2.39 -4.52 3.36
C VAL A 34 -2.24 -5.33 4.65
N VAL A 35 -1.15 -5.10 5.36
CA VAL A 35 -0.90 -5.80 6.64
C VAL A 35 -1.99 -5.45 7.65
N ASP A 36 -2.41 -4.20 7.65
CA ASP A 36 -3.49 -3.75 8.52
C ASP A 36 -4.81 -4.44 8.14
N TYR A 37 -5.02 -4.62 6.85
CA TYR A 37 -6.18 -5.37 6.36
C TYR A 37 -6.14 -6.81 6.88
N VAL A 38 -4.96 -7.40 6.91
CA VAL A 38 -4.77 -8.75 7.43
C VAL A 38 -5.26 -8.84 8.87
N ASN A 39 -5.05 -7.78 9.63
CA ASN A 39 -5.54 -7.71 11.00
C ASN A 39 -7.05 -7.55 11.03
N GLN A 40 -7.54 -6.60 10.24
CA GLN A 40 -8.96 -6.26 10.24
C GLN A 40 -9.83 -7.41 9.73
N ILE A 41 -9.36 -8.14 8.73
CA ILE A 41 -10.14 -9.26 8.20
C ILE A 41 -10.31 -10.36 9.24
N ILE A 42 -9.40 -10.41 10.20
CA ILE A 42 -9.48 -11.37 11.28
C ILE A 42 -10.53 -10.93 12.29
N GLN A 43 -10.69 -9.61 12.41
CA GLN A 43 -11.70 -9.05 13.30
C GLN A 43 -13.08 -9.15 12.67
N LEU A 44 -13.16 -8.78 11.40
CA LEU A 44 -14.43 -8.84 10.67
C LEU A 44 -14.86 -10.28 10.42
N MET A 45 -13.91 -11.21 10.60
CA MET A 45 -14.14 -12.64 10.37
C MET A 45 -15.17 -13.19 11.34
N SER A 46 -15.35 -12.51 12.47
CA SER A 46 -16.31 -12.93 13.48
C SER A 46 -17.71 -13.02 12.91
N LYS A 47 -18.29 -11.87 12.58
CA LYS A 47 -19.62 -11.81 11.97
C LYS A 47 -19.86 -10.42 11.39
N ARG A 48 -18.79 -9.81 10.92
CA ARG A 48 -18.85 -8.45 10.40
C ARG A 48 -18.36 -8.41 8.96
N SER A 49 -18.53 -9.52 8.26
CA SER A 49 -18.09 -9.62 6.87
C SER A 49 -19.21 -9.25 5.92
N ARG A 50 -19.11 -8.07 5.31
CA ARG A 50 -20.11 -7.62 4.36
C ARG A 50 -19.85 -8.21 2.99
N SER A 51 -18.59 -8.56 2.72
CA SER A 51 -18.20 -9.18 1.48
C SER A 51 -18.62 -10.65 1.48
N LEU A 52 -19.80 -10.94 0.93
CA LEU A 52 -20.36 -12.27 0.95
C LEU A 52 -19.55 -13.23 0.07
N ASN A 53 -18.93 -12.67 -0.97
CA ASN A 53 -18.06 -13.45 -1.84
C ASN A 53 -16.84 -13.95 -1.07
N SER A 54 -16.21 -13.05 -0.33
CA SER A 54 -15.10 -13.39 0.55
C SER A 54 -15.54 -14.42 1.59
N ALA A 55 -16.66 -14.14 2.25
CA ALA A 55 -17.17 -14.99 3.32
C ALA A 55 -17.57 -16.38 2.80
N ALA A 56 -17.79 -16.48 1.49
CA ALA A 56 -18.19 -17.73 0.88
C ALA A 56 -17.02 -18.69 0.74
N PHE A 57 -15.87 -18.17 0.33
CA PHE A 57 -14.70 -19.01 0.11
C PHE A 57 -13.62 -18.73 1.16
N TYR A 58 -12.88 -17.65 0.98
CA TYR A 58 -11.83 -17.28 1.92
C TYR A 58 -11.84 -15.78 2.16
N TYR A 59 -11.27 -15.05 1.21
CA TYR A 59 -11.13 -13.60 1.27
C TYR A 59 -10.71 -13.04 -0.07
N ARG A 60 -11.66 -12.97 -0.98
CA ARG A 60 -11.45 -12.33 -2.27
C ARG A 60 -11.06 -10.88 -2.06
N VAL A 61 -11.89 -10.19 -1.31
CA VAL A 61 -11.67 -8.80 -0.99
C VAL A 61 -11.70 -8.59 0.52
N SER A 1 21.51 18.12 -24.03
CA SER A 1 20.27 17.34 -23.78
C SER A 1 20.49 15.89 -24.16
N ASP A 2 20.15 14.99 -23.24
CA ASP A 2 20.28 13.56 -23.49
C ASP A 2 19.23 13.12 -24.50
N VAL A 3 19.68 12.48 -25.57
CA VAL A 3 18.78 12.01 -26.61
C VAL A 3 18.79 10.49 -26.66
N LEU A 4 19.95 9.93 -26.93
CA LEU A 4 20.12 8.49 -26.97
C LEU A 4 21.23 8.07 -26.02
N ASP A 5 21.37 8.81 -24.94
CA ASP A 5 22.41 8.56 -23.95
C ASP A 5 21.93 7.55 -22.93
N ILE A 6 20.66 7.67 -22.57
CA ILE A 6 20.04 6.76 -21.63
C ILE A 6 19.29 5.66 -22.38
N THR A 7 19.77 4.44 -22.25
CA THR A 7 19.13 3.31 -22.91
C THR A 7 17.98 2.81 -22.04
N ALA A 8 16.97 3.65 -21.89
CA ALA A 8 15.85 3.38 -20.99
C ALA A 8 14.84 2.43 -21.62
N ASP A 9 15.28 1.22 -21.92
CA ASP A 9 14.39 0.20 -22.45
C ASP A 9 13.88 -0.73 -21.35
N PRO A 10 14.76 -1.28 -20.48
CA PRO A 10 14.32 -2.08 -19.32
C PRO A 10 13.38 -1.29 -18.42
N THR A 11 13.69 -0.01 -18.25
CA THR A 11 12.85 0.90 -17.50
C THR A 11 12.80 2.24 -18.21
N THR A 12 11.73 2.47 -18.96
CA THR A 12 11.60 3.68 -19.76
C THR A 12 11.19 4.87 -18.87
N ALA A 13 12.16 5.34 -18.10
CA ALA A 13 11.98 6.48 -17.21
C ALA A 13 13.34 6.95 -16.71
N PRO A 14 14.06 7.72 -17.53
CA PRO A 14 15.41 8.19 -17.20
C PRO A 14 15.47 9.05 -15.94
N GLN A 15 14.52 9.97 -15.82
CA GLN A 15 14.54 10.94 -14.74
C GLN A 15 13.66 10.49 -13.57
N THR A 16 13.84 9.24 -13.14
CA THR A 16 13.08 8.73 -12.00
C THR A 16 13.76 9.14 -10.70
N GLU A 17 14.83 8.43 -10.31
CA GLU A 17 15.61 8.72 -9.10
C GLU A 17 14.73 9.00 -7.88
N ARG A 18 14.44 10.28 -7.63
CA ARG A 18 13.61 10.69 -6.50
C ARG A 18 12.22 10.05 -6.59
N MET A 19 11.74 9.86 -7.82
CA MET A 19 10.45 9.22 -8.03
C MET A 19 10.50 7.77 -7.59
N MET A 20 11.69 7.18 -7.68
CA MET A 20 11.87 5.79 -7.31
C MET A 20 11.92 5.64 -5.80
N ARG A 21 12.58 6.58 -5.14
CA ARG A 21 12.72 6.52 -3.69
C ARG A 21 11.42 6.87 -2.97
N ILE A 22 10.57 7.69 -3.60
CA ILE A 22 9.25 7.97 -3.02
C ILE A 22 8.31 6.80 -3.31
N ASN A 23 8.46 6.19 -4.48
CA ASN A 23 7.69 5.02 -4.84
C ASN A 23 8.02 3.86 -3.92
N TRP A 24 9.31 3.75 -3.57
CA TRP A 24 9.77 2.68 -2.69
C TRP A 24 9.18 2.85 -1.29
N LYS A 25 9.05 4.10 -0.87
CA LYS A 25 8.49 4.41 0.44
C LYS A 25 7.00 4.13 0.47
N LYS A 26 6.30 4.55 -0.58
CA LYS A 26 4.87 4.33 -0.69
C LYS A 26 4.56 2.84 -0.83
N TRP A 27 5.41 2.14 -1.57
CA TRP A 27 5.25 0.71 -1.76
C TRP A 27 5.34 -0.04 -0.43
N TRP A 28 6.22 0.42 0.44
CA TRP A 28 6.34 -0.18 1.76
C TRP A 28 5.24 0.32 2.68
N GLN A 29 4.72 1.52 2.41
CA GLN A 29 3.66 2.08 3.20
C GLN A 29 2.36 1.32 2.95
N VAL A 30 2.11 0.99 1.68
CA VAL A 30 0.95 0.18 1.33
C VAL A 30 1.14 -1.25 1.78
N PHE A 31 2.41 -1.67 1.89
CA PHE A 31 2.74 -3.00 2.38
C PHE A 31 2.24 -3.18 3.80
N TYR A 32 2.59 -2.24 4.68
CA TYR A 32 2.12 -2.26 6.05
C TYR A 32 0.61 -2.18 6.09
N THR A 33 0.05 -1.38 5.19
CA THR A 33 -1.38 -1.20 5.09
C THR A 33 -2.06 -2.54 4.74
N VAL A 34 -1.46 -3.32 3.86
CA VAL A 34 -1.99 -4.62 3.49
C VAL A 34 -1.96 -5.57 4.68
N VAL A 35 -0.80 -5.65 5.34
CA VAL A 35 -0.65 -6.51 6.52
C VAL A 35 -1.64 -6.13 7.60
N ASP A 36 -1.84 -4.83 7.78
CA ASP A 36 -2.79 -4.31 8.76
C ASP A 36 -4.21 -4.60 8.31
N TYR A 37 -4.45 -4.49 7.02
CA TYR A 37 -5.78 -4.73 6.45
C TYR A 37 -6.17 -6.20 6.61
N VAL A 38 -5.19 -7.09 6.45
CA VAL A 38 -5.41 -8.53 6.65
C VAL A 38 -5.86 -8.80 8.09
N ASN A 39 -5.33 -8.03 9.01
CA ASN A 39 -5.72 -8.14 10.41
C ASN A 39 -7.08 -7.49 10.64
N GLN A 40 -7.28 -6.35 9.97
CA GLN A 40 -8.51 -5.58 10.07
C GLN A 40 -9.73 -6.37 9.60
N ILE A 41 -9.61 -7.04 8.45
CA ILE A 41 -10.73 -7.77 7.88
C ILE A 41 -11.18 -8.92 8.78
N ILE A 42 -10.31 -9.33 9.69
CA ILE A 42 -10.65 -10.39 10.62
C ILE A 42 -11.32 -9.83 11.87
N GLN A 43 -10.81 -8.71 12.37
CA GLN A 43 -11.41 -8.05 13.53
C GLN A 43 -12.79 -7.52 13.16
N LEU A 44 -12.88 -6.93 11.97
CA LEU A 44 -14.13 -6.40 11.45
C LEU A 44 -15.01 -7.58 11.00
N MET A 45 -14.42 -8.47 10.21
CA MET A 45 -15.12 -9.65 9.68
C MET A 45 -16.18 -9.24 8.65
N SER A 46 -16.47 -10.13 7.71
CA SER A 46 -17.35 -9.81 6.60
C SER A 46 -18.82 -9.88 7.02
N LYS A 47 -19.12 -9.31 8.18
CA LYS A 47 -20.47 -9.17 8.65
C LYS A 47 -21.09 -7.96 7.96
N ARG A 48 -20.97 -7.96 6.64
CA ARG A 48 -21.41 -6.87 5.78
C ARG A 48 -20.41 -5.71 5.89
N SER A 49 -19.50 -5.66 4.94
CA SER A 49 -18.45 -4.66 4.90
C SER A 49 -19.04 -3.27 4.62
N ARG A 50 -19.46 -2.60 5.68
CA ARG A 50 -20.10 -1.30 5.55
C ARG A 50 -19.13 -0.17 5.88
N SER A 51 -18.55 -0.23 7.07
CA SER A 51 -17.70 0.85 7.57
C SER A 51 -16.43 0.99 6.73
N LEU A 52 -16.05 -0.06 6.03
CA LEU A 52 -14.85 -0.04 5.20
C LEU A 52 -15.01 0.89 4.01
N ASN A 53 -16.25 1.26 3.70
CA ASN A 53 -16.51 2.20 2.62
C ASN A 53 -16.26 3.62 3.08
N SER A 54 -16.37 3.82 4.38
CA SER A 54 -16.12 5.12 4.99
C SER A 54 -14.64 5.26 5.32
N ALA A 55 -14.11 4.26 5.99
CA ALA A 55 -12.70 4.24 6.37
C ALA A 55 -11.80 4.23 5.14
N ALA A 56 -12.34 3.74 4.03
CA ALA A 56 -11.60 3.64 2.80
C ALA A 56 -12.42 4.14 1.63
N PHE A 57 -12.95 5.37 1.75
CA PHE A 57 -13.57 6.05 0.62
C PHE A 57 -12.65 5.97 -0.59
N TYR A 58 -11.37 6.17 -0.31
CA TYR A 58 -10.33 6.10 -1.33
C TYR A 58 -9.09 5.44 -0.73
N TYR A 59 -8.53 6.09 0.28
CA TYR A 59 -7.34 5.59 0.95
C TYR A 59 -7.08 6.44 2.21
N ARG A 60 -7.96 6.29 3.19
CA ARG A 60 -7.88 7.07 4.41
C ARG A 60 -7.22 6.22 5.51
N VAL A 61 -8.00 5.27 6.04
CA VAL A 61 -7.51 4.31 7.03
C VAL A 61 -8.72 3.63 7.70
N SER A 1 -5.66 -0.46 -6.14
CA SER A 1 -6.04 -1.84 -5.78
C SER A 1 -6.16 -2.72 -7.02
N ASP A 2 -7.24 -2.52 -7.80
CA ASP A 2 -7.52 -3.34 -8.98
C ASP A 2 -7.67 -4.81 -8.58
N VAL A 3 -7.65 -5.70 -9.56
CA VAL A 3 -7.71 -7.12 -9.29
C VAL A 3 -6.49 -7.56 -8.48
N LEU A 4 -5.35 -6.93 -8.74
CA LEU A 4 -4.13 -7.24 -8.01
C LEU A 4 -3.08 -6.14 -8.23
N ASP A 5 -2.49 -6.11 -9.42
CA ASP A 5 -1.42 -5.16 -9.73
C ASP A 5 -1.52 -4.67 -11.16
N ILE A 6 -2.59 -3.96 -11.48
CA ILE A 6 -2.77 -3.43 -12.83
C ILE A 6 -2.08 -2.08 -12.96
N THR A 7 -1.05 -2.04 -13.79
CA THR A 7 -0.27 -0.83 -14.04
C THR A 7 0.40 -0.34 -12.76
N ALA A 8 1.39 -1.11 -12.30
CA ALA A 8 2.11 -0.75 -11.08
C ALA A 8 3.32 0.12 -11.41
N ASP A 9 3.69 0.15 -12.68
CA ASP A 9 4.81 0.96 -13.12
C ASP A 9 4.39 1.89 -14.25
N PRO A 10 4.35 3.20 -13.99
CA PRO A 10 3.87 4.20 -14.96
C PRO A 10 4.92 4.59 -16.01
N THR A 11 6.20 4.36 -15.72
CA THR A 11 7.28 4.81 -16.59
C THR A 11 7.07 6.25 -17.07
N THR A 12 7.14 7.18 -16.13
CA THR A 12 6.96 8.60 -16.43
C THR A 12 7.71 9.43 -15.38
N ALA A 13 9.03 9.36 -15.40
CA ALA A 13 9.86 10.08 -14.46
C ALA A 13 11.33 10.00 -14.87
N PRO A 14 11.87 11.09 -15.41
CA PRO A 14 13.29 11.17 -15.79
C PRO A 14 14.20 10.90 -14.59
N GLN A 15 13.80 11.43 -13.44
CA GLN A 15 14.49 11.14 -12.19
C GLN A 15 13.95 9.84 -11.62
N THR A 16 14.17 8.77 -12.37
CA THR A 16 13.62 7.45 -12.04
C THR A 16 14.11 6.96 -10.69
N GLU A 17 15.38 7.21 -10.39
CA GLU A 17 15.97 6.75 -9.15
C GLU A 17 15.30 7.45 -7.96
N ARG A 18 15.19 8.77 -8.06
CA ARG A 18 14.56 9.57 -7.02
C ARG A 18 13.09 9.19 -6.87
N MET A 19 12.40 9.07 -8.00
CA MET A 19 10.98 8.72 -8.01
C MET A 19 10.76 7.35 -7.39
N MET A 20 11.64 6.42 -7.73
CA MET A 20 11.54 5.05 -7.23
C MET A 20 11.73 5.01 -5.71
N ARG A 21 12.52 5.94 -5.19
CA ARG A 21 12.75 6.03 -3.76
C ARG A 21 11.52 6.55 -3.04
N ILE A 22 10.86 7.54 -3.64
CA ILE A 22 9.63 8.06 -3.08
C ILE A 22 8.52 7.02 -3.20
N ASN A 23 8.52 6.30 -4.33
CA ASN A 23 7.56 5.24 -4.56
C ASN A 23 7.84 4.03 -3.69
N TRP A 24 9.09 3.86 -3.26
CA TRP A 24 9.43 2.76 -2.38
C TRP A 24 8.79 3.00 -1.01
N LYS A 25 8.72 4.27 -0.63
CA LYS A 25 8.02 4.66 0.58
C LYS A 25 6.52 4.45 0.42
N LYS A 26 6.07 4.48 -0.83
CA LYS A 26 4.68 4.24 -1.15
C LYS A 26 4.38 2.74 -1.05
N TRP A 27 5.28 1.93 -1.60
CA TRP A 27 5.15 0.48 -1.48
C TRP A 27 5.30 0.06 -0.02
N TRP A 28 6.12 0.80 0.72
CA TRP A 28 6.28 0.59 2.14
C TRP A 28 4.97 0.85 2.89
N GLN A 29 4.38 2.03 2.68
CA GLN A 29 3.17 2.40 3.38
C GLN A 29 1.98 1.57 2.92
N VAL A 30 2.00 1.12 1.66
CA VAL A 30 0.93 0.26 1.18
C VAL A 30 1.08 -1.13 1.79
N PHE A 31 2.33 -1.51 2.10
CA PHE A 31 2.57 -2.75 2.82
C PHE A 31 1.99 -2.65 4.22
N TYR A 32 2.27 -1.51 4.87
CA TYR A 32 1.68 -1.19 6.16
C TYR A 32 0.15 -1.25 6.07
N THR A 33 -0.36 -0.80 4.94
CA THR A 33 -1.80 -0.82 4.70
C THR A 33 -2.30 -2.26 4.56
N VAL A 34 -1.64 -3.04 3.70
CA VAL A 34 -2.03 -4.42 3.47
C VAL A 34 -1.97 -5.24 4.75
N VAL A 35 -0.87 -5.11 5.49
CA VAL A 35 -0.67 -5.88 6.70
C VAL A 35 -1.70 -5.49 7.78
N ASP A 36 -2.22 -4.29 7.67
CA ASP A 36 -3.27 -3.82 8.58
C ASP A 36 -4.64 -4.25 8.08
N TYR A 37 -4.83 -4.12 6.77
CA TYR A 37 -6.10 -4.46 6.14
C TYR A 37 -6.43 -5.94 6.32
N VAL A 38 -5.44 -6.79 6.08
CA VAL A 38 -5.64 -8.23 6.24
C VAL A 38 -5.89 -8.57 7.70
N ASN A 39 -5.21 -7.84 8.59
CA ASN A 39 -5.42 -8.00 10.03
C ASN A 39 -6.84 -7.58 10.41
N GLN A 40 -7.34 -6.57 9.70
CA GLN A 40 -8.68 -6.08 9.91
C GLN A 40 -9.69 -7.14 9.49
N ILE A 41 -9.44 -7.79 8.36
CA ILE A 41 -10.28 -8.88 7.88
C ILE A 41 -10.30 -10.00 8.91
N ILE A 42 -9.20 -10.13 9.63
CA ILE A 42 -9.06 -11.14 10.68
C ILE A 42 -9.98 -10.82 11.86
N GLN A 43 -9.89 -9.59 12.35
CA GLN A 43 -10.73 -9.17 13.46
C GLN A 43 -12.20 -9.13 13.04
N LEU A 44 -12.42 -8.80 11.77
CA LEU A 44 -13.76 -8.77 11.20
C LEU A 44 -14.28 -10.17 10.93
N MET A 45 -13.40 -11.16 11.02
CA MET A 45 -13.79 -12.54 10.82
C MET A 45 -14.41 -13.09 12.09
N SER A 46 -13.56 -13.31 13.08
CA SER A 46 -13.96 -13.83 14.38
C SER A 46 -12.71 -14.15 15.19
N LYS A 47 -11.91 -15.05 14.64
CA LYS A 47 -10.65 -15.46 15.24
C LYS A 47 -9.56 -15.43 14.19
N ARG A 48 -9.67 -16.36 13.24
CA ARG A 48 -8.76 -16.49 12.11
C ARG A 48 -7.30 -16.43 12.57
N SER A 49 -6.94 -17.34 13.46
CA SER A 49 -5.58 -17.41 13.97
C SER A 49 -4.72 -18.21 12.99
N ARG A 50 -4.42 -17.60 11.87
CA ARG A 50 -3.65 -18.23 10.81
C ARG A 50 -2.66 -17.23 10.23
N SER A 51 -1.57 -17.73 9.68
CA SER A 51 -0.54 -16.89 9.07
C SER A 51 -1.14 -16.00 7.99
N LEU A 52 -1.07 -14.69 8.21
CA LEU A 52 -1.59 -13.72 7.26
C LEU A 52 -0.80 -13.77 5.96
N ASN A 53 0.46 -14.21 6.06
CA ASN A 53 1.32 -14.35 4.91
C ASN A 53 0.83 -15.50 4.03
N SER A 54 0.36 -16.55 4.67
CA SER A 54 -0.19 -17.70 3.96
C SER A 54 -1.61 -17.41 3.47
N ALA A 55 -2.39 -16.80 4.34
CA ALA A 55 -3.78 -16.46 4.03
C ALA A 55 -3.90 -15.58 2.80
N ALA A 56 -3.06 -14.56 2.72
CA ALA A 56 -3.06 -13.65 1.58
C ALA A 56 -2.20 -14.19 0.45
N PHE A 57 -1.55 -15.33 0.71
CA PHE A 57 -0.65 -15.98 -0.24
C PHE A 57 0.49 -15.04 -0.64
N TYR A 58 0.81 -14.12 0.28
CA TYR A 58 1.78 -13.06 0.01
C TYR A 58 3.16 -13.65 -0.29
N TYR A 59 3.54 -14.64 0.50
CA TYR A 59 4.81 -15.31 0.30
C TYR A 59 4.61 -16.72 -0.20
N ARG A 60 3.47 -16.94 -0.84
CA ARG A 60 3.17 -18.22 -1.47
C ARG A 60 3.44 -18.13 -2.97
N VAL A 61 2.66 -17.29 -3.64
CA VAL A 61 2.78 -17.07 -5.08
C VAL A 61 2.56 -18.38 -5.86
#